data_3BD1
#
_entry.id   3BD1
#
_cell.length_a   66.970
_cell.length_b   66.970
_cell.length_c   54.360
_cell.angle_alpha   90.00
_cell.angle_beta   90.00
_cell.angle_gamma   120.00
#
_symmetry.space_group_name_H-M   'P 32'
#
loop_
_entity.id
_entity.type
_entity.pdbx_description
1 polymer 'Cro protein'
2 non-polymer GLYCEROL
3 non-polymer 'SULFATE ION'
4 non-polymer 'CHLORIDE ION'
5 water water
#
_entity_poly.entity_id   1
_entity_poly.type   'polypeptide(L)'
_entity_poly.pdbx_seq_one_letter_code
;MNAIDIAINKLGSVSALAASLGVRQSAISNWRARGRVPAERCIDIERVTNGAVICRELRPDVFGASPAGHRPEASNAAA
;
_entity_poly.pdbx_strand_id   A,B,C
#
loop_
_chem_comp.id
_chem_comp.type
_chem_comp.name
_chem_comp.formula
CL non-polymer 'CHLORIDE ION' 'Cl -1'
GOL non-polymer GLYCEROL 'C3 H8 O3'
SO4 non-polymer 'SULFATE ION' 'O4 S -2'
#
# COMPACT_ATOMS: atom_id res chain seq x y z
N MET A 1 16.79 -3.49 -11.94
CA MET A 1 15.34 -3.18 -11.98
C MET A 1 15.06 -2.21 -10.84
N ASN A 2 14.24 -1.19 -11.14
CA ASN A 2 13.89 -0.21 -10.13
C ASN A 2 12.38 -0.18 -9.97
N ALA A 3 11.92 -0.90 -8.96
CA ALA A 3 10.49 -1.07 -8.76
C ALA A 3 9.79 0.27 -8.54
N ILE A 4 10.47 1.19 -7.86
CA ILE A 4 9.86 2.49 -7.60
C ILE A 4 9.63 3.25 -8.90
N ASP A 5 10.60 3.18 -9.81
CA ASP A 5 10.45 3.80 -11.11
C ASP A 5 9.35 3.16 -11.94
N ILE A 6 9.23 1.83 -11.88
CA ILE A 6 8.11 1.17 -12.59
C ILE A 6 6.80 1.70 -12.03
N ALA A 7 6.70 1.84 -10.70
CA ALA A 7 5.48 2.37 -10.10
C ALA A 7 5.19 3.81 -10.52
N ILE A 8 6.22 4.65 -10.54
CA ILE A 8 6.05 6.04 -10.97
C ILE A 8 5.57 6.09 -12.42
N ASN A 9 6.17 5.28 -13.27
CA ASN A 9 5.79 5.26 -14.68
C ASN A 9 4.39 4.71 -14.90
N LYS A 10 3.97 3.77 -14.04
CA LYS A 10 2.62 3.20 -14.19
C LYS A 10 1.58 4.28 -13.95
N LEU A 11 1.78 5.06 -12.91
CA LEU A 11 0.86 6.19 -12.65
C LEU A 11 1.08 7.36 -13.60
N GLY A 12 2.32 7.53 -14.04
CA GLY A 12 2.69 8.48 -15.04
C GLY A 12 3.58 9.61 -14.59
N SER A 13 3.53 9.88 -13.30
CA SER A 13 4.37 10.91 -12.72
C SER A 13 4.51 10.71 -11.23
N VAL A 14 5.51 11.34 -10.64
CA VAL A 14 5.67 11.34 -9.19
C VAL A 14 4.43 11.97 -8.56
N SER A 15 3.91 13.04 -9.15
CA SER A 15 2.71 13.68 -8.61
CA SER A 15 2.73 13.67 -8.56
C SER A 15 1.53 12.72 -8.52
N ALA A 16 1.30 11.98 -9.61
CA ALA A 16 0.17 11.06 -9.67
C ALA A 16 0.35 9.91 -8.67
N LEU A 17 1.57 9.40 -8.57
CA LEU A 17 1.81 8.32 -7.60
C LEU A 17 1.60 8.85 -6.17
N ALA A 18 2.17 10.02 -5.90
CA ALA A 18 2.04 10.63 -4.58
C ALA A 18 0.55 10.80 -4.24
N ALA A 19 -0.23 11.30 -5.19
CA ALA A 19 -1.65 11.52 -5.00
C ALA A 19 -2.35 10.20 -4.67
N SER A 20 -2.00 9.15 -5.42
CA SER A 20 -2.62 7.84 -5.25
CA SER A 20 -2.62 7.85 -5.24
C SER A 20 -2.34 7.19 -3.90
N LEU A 21 -1.24 7.60 -3.28
CA LEU A 21 -0.84 7.07 -1.98
C LEU A 21 -1.16 8.02 -0.82
N GLY A 22 -1.59 9.23 -1.13
CA GLY A 22 -1.84 10.24 -0.08
C GLY A 22 -0.57 10.70 0.62
N VAL A 23 0.52 10.79 -0.15
CA VAL A 23 1.78 11.28 0.41
C VAL A 23 2.25 12.49 -0.39
N ARG A 24 3.26 13.19 0.16
CA ARG A 24 3.89 14.29 -0.55
C ARG A 24 4.85 13.74 -1.61
N GLN A 25 5.02 14.49 -2.69
CA GLN A 25 5.99 14.12 -3.71
C GLN A 25 7.37 13.93 -3.13
N SER A 26 7.70 14.77 -2.16
CA SER A 26 9.01 14.67 -1.52
C SER A 26 9.20 13.31 -0.87
N ALA A 27 8.12 12.69 -0.37
CA ALA A 27 8.23 11.35 0.20
C ALA A 27 8.65 10.33 -0.86
N ILE A 28 7.98 10.37 -2.01
CA ILE A 28 8.35 9.47 -3.10
C ILE A 28 9.82 9.68 -3.50
N SER A 29 10.25 10.94 -3.62
CA SER A 29 11.62 11.25 -4.02
C SER A 29 12.61 10.68 -3.00
N ASN A 30 12.27 10.82 -1.72
CA ASN A 30 13.08 10.22 -0.66
C ASN A 30 13.18 8.69 -0.74
N TRP A 31 12.04 8.04 -1.01
CA TRP A 31 12.04 6.58 -1.09
C TRP A 31 12.97 6.16 -2.24
N ARG A 32 12.86 6.91 -3.33
CA ARG A 32 13.64 6.58 -4.50
C ARG A 32 15.13 6.80 -4.20
N ALA A 33 15.46 7.90 -3.55
CA ALA A 33 16.85 8.23 -3.25
C ALA A 33 17.51 7.15 -2.40
N ARG A 34 16.75 6.65 -1.43
CA ARG A 34 17.29 5.66 -0.50
C ARG A 34 17.04 4.23 -0.97
N GLY A 35 16.32 4.10 -2.09
CA GLY A 35 16.07 2.80 -2.71
C GLY A 35 15.14 1.93 -1.88
N ARG A 36 14.23 2.54 -1.13
CA ARG A 36 13.42 1.75 -0.23
C ARG A 36 12.11 2.45 0.11
N VAL A 37 11.01 1.83 -0.28
CA VAL A 37 9.70 2.30 0.12
C VAL A 37 9.42 1.74 1.52
N PRO A 38 8.66 2.49 2.32
CA PRO A 38 8.24 1.98 3.62
C PRO A 38 7.45 0.66 3.50
N ALA A 39 7.68 -0.28 4.41
CA ALA A 39 7.08 -1.60 4.33
C ALA A 39 5.56 -1.41 4.34
N GLU A 40 5.08 -0.46 5.14
CA GLU A 40 3.63 -0.30 5.32
C GLU A 40 2.94 0.36 4.12
N ARG A 41 3.71 0.74 3.11
CA ARG A 41 3.13 1.27 1.89
C ARG A 41 3.19 0.31 0.70
N CYS A 42 3.81 -0.85 0.88
CA CYS A 42 4.00 -1.73 -0.28
C CYS A 42 2.67 -2.25 -0.87
N ILE A 43 1.76 -2.74 -0.01
CA ILE A 43 0.45 -3.20 -0.52
C ILE A 43 -0.25 -2.07 -1.26
N ASP A 44 -0.17 -0.86 -0.71
CA ASP A 44 -0.84 0.29 -1.33
C ASP A 44 -0.27 0.51 -2.73
N ILE A 45 1.05 0.42 -2.86
CA ILE A 45 1.68 0.63 -4.16
C ILE A 45 1.26 -0.47 -5.14
N GLU A 46 1.28 -1.71 -4.65
CA GLU A 46 0.84 -2.83 -5.49
C GLU A 46 -0.60 -2.58 -5.98
N ARG A 47 -1.45 -2.07 -5.09
CA ARG A 47 -2.84 -1.82 -5.48
C ARG A 47 -2.99 -0.68 -6.50
N VAL A 48 -2.38 0.47 -6.21
CA VAL A 48 -2.56 1.62 -7.09
C VAL A 48 -1.92 1.45 -8.45
N THR A 49 -0.88 0.62 -8.50
CA THR A 49 -0.25 0.30 -9.78
C THR A 49 -0.92 -0.86 -10.52
N ASN A 50 -2.04 -1.34 -9.96
CA ASN A 50 -2.75 -2.47 -10.56
C ASN A 50 -1.86 -3.70 -10.72
N GLY A 51 -0.94 -3.85 -9.78
CA GLY A 51 -0.05 -5.00 -9.80
C GLY A 51 1.13 -4.91 -10.76
N ALA A 52 1.38 -3.73 -11.33
CA ALA A 52 2.54 -3.54 -12.22
C ALA A 52 3.82 -3.74 -11.42
N VAL A 53 3.76 -3.45 -10.13
CA VAL A 53 4.78 -3.90 -9.18
C VAL A 53 4.06 -4.58 -8.06
N ILE A 54 4.76 -5.55 -7.46
CA ILE A 54 4.25 -6.29 -6.33
C ILE A 54 5.12 -6.10 -5.12
N CYS A 55 4.58 -6.45 -3.96
CA CYS A 55 5.24 -6.21 -2.69
C CYS A 55 6.66 -6.80 -2.66
N ARG A 56 6.84 -8.01 -3.18
CA ARG A 56 8.15 -8.67 -3.14
C ARG A 56 9.18 -7.94 -3.99
N GLU A 57 8.74 -7.23 -5.02
CA GLU A 57 9.65 -6.44 -5.81
C GLU A 57 10.06 -5.18 -5.10
N LEU A 58 9.14 -4.62 -4.31
CA LEU A 58 9.43 -3.41 -3.57
C LEU A 58 10.31 -3.65 -2.36
N ARG A 59 10.03 -4.70 -1.61
CA ARG A 59 10.72 -4.98 -0.37
C ARG A 59 10.95 -6.48 -0.26
N PRO A 60 11.96 -6.98 -0.98
CA PRO A 60 12.25 -8.40 -0.92
C PRO A 60 12.73 -8.88 0.45
N ASP A 61 13.20 -7.95 1.27
CA ASP A 61 13.59 -8.22 2.64
C ASP A 61 12.41 -8.38 3.59
N VAL A 62 11.20 -8.06 3.14
CA VAL A 62 9.99 -8.11 3.96
C VAL A 62 9.04 -9.21 3.46
N PHE A 63 8.82 -9.30 2.15
CA PHE A 63 7.80 -10.17 1.60
C PHE A 63 8.37 -11.45 1.05
N GLY A 64 7.53 -12.47 0.97
CA GLY A 64 7.96 -13.82 0.60
C GLY A 64 7.84 -14.00 -0.89
N ALA A 65 8.51 -15.04 -1.37
CA ALA A 65 8.65 -15.34 -2.78
C ALA A 65 7.57 -16.34 -3.18
N MET B 1 -4.58 -11.34 22.18
CA MET B 1 -3.21 -11.53 22.72
C MET B 1 -2.18 -10.91 21.79
N ASN B 2 -1.08 -10.44 22.40
CA ASN B 2 -0.03 -9.83 21.60
C ASN B 2 0.73 -10.88 20.79
N ALA B 3 0.98 -10.57 19.52
CA ALA B 3 1.63 -11.53 18.61
C ALA B 3 3.04 -11.96 19.08
N ILE B 4 3.79 -11.04 19.67
CA ILE B 4 5.11 -11.36 20.20
C ILE B 4 4.98 -12.37 21.34
N ASP B 5 3.99 -12.15 22.20
CA ASP B 5 3.77 -13.05 23.32
C ASP B 5 3.44 -14.43 22.82
N ILE B 6 2.67 -14.52 21.74
CA ILE B 6 2.37 -15.82 21.14
C ILE B 6 3.68 -16.47 20.71
N ALA B 7 4.56 -15.70 20.08
CA ALA B 7 5.86 -16.25 19.65
C ALA B 7 6.73 -16.72 20.82
N ILE B 8 6.68 -15.98 21.92
CA ILE B 8 7.40 -16.42 23.11
C ILE B 8 6.83 -17.71 23.70
N ASN B 9 5.50 -17.80 23.66
CA ASN B 9 4.74 -18.99 24.08
C ASN B 9 5.32 -20.18 23.31
N LYS B 10 5.44 -20.03 21.98
CA LYS B 10 5.92 -21.11 21.12
C LYS B 10 7.39 -21.48 21.29
N LEU B 11 8.26 -20.50 21.48
CA LEU B 11 9.69 -20.79 21.62
C LEU B 11 10.08 -21.18 23.04
N GLY B 12 9.31 -20.72 24.02
CA GLY B 12 9.41 -21.12 25.41
C GLY B 12 10.14 -20.13 26.28
N SER B 13 10.92 -19.23 25.66
CA SER B 13 11.71 -18.24 26.39
CA SER B 13 11.69 -18.24 26.40
C SER B 13 12.15 -17.08 25.51
N VAL B 14 12.49 -15.96 26.13
CA VAL B 14 13.03 -14.82 25.40
C VAL B 14 14.38 -15.20 24.79
N SER B 15 15.22 -15.93 25.51
CA SER B 15 16.55 -16.25 24.97
C SER B 15 16.40 -17.18 23.76
N ALA B 16 15.48 -18.14 23.84
CA ALA B 16 15.28 -19.08 22.74
C ALA B 16 14.73 -18.38 21.51
N LEU B 17 13.76 -17.49 21.73
CA LEU B 17 13.30 -16.70 20.59
C LEU B 17 14.40 -15.86 19.99
N ALA B 18 15.17 -15.14 20.81
CA ALA B 18 16.24 -14.30 20.33
C ALA B 18 17.26 -15.13 19.57
N ALA B 19 17.64 -16.29 20.10
CA ALA B 19 18.64 -17.13 19.44
C ALA B 19 18.09 -17.64 18.11
N SER B 20 16.83 -18.05 18.13
CA SER B 20 16.14 -18.58 16.94
C SER B 20 16.16 -17.58 15.77
N LEU B 21 16.04 -16.30 16.11
CA LEU B 21 16.08 -15.20 15.17
C LEU B 21 17.44 -14.55 14.93
N GLY B 22 18.45 -14.88 15.75
CA GLY B 22 19.77 -14.29 15.61
C GLY B 22 19.75 -12.83 16.00
N VAL B 23 18.96 -12.50 17.03
CA VAL B 23 18.87 -11.11 17.47
C VAL B 23 19.16 -11.10 18.96
N ARG B 24 19.38 -9.89 19.48
CA ARG B 24 19.56 -9.64 20.90
C ARG B 24 18.24 -9.72 21.67
N GLN B 25 18.31 -10.29 22.88
CA GLN B 25 17.15 -10.26 23.75
C GLN B 25 16.63 -8.84 23.90
N SER B 26 17.52 -7.86 23.88
CA SER B 26 17.09 -6.47 23.98
C SER B 26 16.18 -6.08 22.82
N ALA B 27 16.42 -6.70 21.66
CA ALA B 27 15.60 -6.47 20.48
C ALA B 27 14.16 -6.89 20.72
N ILE B 28 13.99 -8.11 21.23
CA ILE B 28 12.66 -8.63 21.53
C ILE B 28 11.93 -7.74 22.53
N SER B 29 12.61 -7.32 23.59
CA SER B 29 12.08 -6.34 24.53
C SER B 29 11.73 -5.04 23.83
N ASN B 30 12.60 -4.56 22.94
CA ASN B 30 12.31 -3.29 22.30
C ASN B 30 11.07 -3.47 21.44
N TRP B 31 10.98 -4.60 20.76
CA TRP B 31 9.81 -4.83 19.91
C TRP B 31 8.54 -4.84 20.72
N ARG B 32 8.57 -5.53 21.86
CA ARG B 32 7.40 -5.55 22.73
C ARG B 32 7.09 -4.15 23.26
N ALA B 33 8.11 -3.37 23.65
CA ALA B 33 7.88 -2.05 24.24
C ALA B 33 7.30 -1.09 23.22
N ARG B 34 7.78 -1.21 21.98
CA ARG B 34 7.39 -0.24 20.97
C ARG B 34 6.08 -0.64 20.32
N GLY B 35 5.70 -1.91 20.48
CA GLY B 35 4.48 -2.42 19.86
C GLY B 35 4.69 -2.61 18.37
N ARG B 36 5.90 -2.96 17.97
CA ARG B 36 6.20 -3.11 16.54
C ARG B 36 7.31 -4.15 16.36
N VAL B 37 7.03 -5.32 15.82
CA VAL B 37 8.12 -6.16 15.29
C VAL B 37 8.58 -5.60 13.96
N PRO B 38 9.89 -5.60 13.67
CA PRO B 38 10.35 -5.09 12.36
C PRO B 38 9.73 -5.85 11.20
N ALA B 39 9.31 -5.13 10.17
CA ALA B 39 8.70 -5.77 9.04
C ALA B 39 9.56 -6.88 8.48
N GLU B 40 10.87 -6.62 8.47
CA GLU B 40 11.80 -7.56 7.85
C GLU B 40 12.03 -8.80 8.71
N ARG B 41 11.46 -8.85 9.91
CA ARG B 41 11.60 -10.04 10.75
C ARG B 41 10.31 -10.86 10.77
N CYS B 42 9.23 -10.38 10.15
CA CYS B 42 7.97 -11.11 10.25
C CYS B 42 7.94 -12.51 9.67
N ILE B 43 8.49 -12.64 8.46
CA ILE B 43 8.58 -13.98 7.90
C ILE B 43 9.42 -14.91 8.79
N ASP B 44 10.52 -14.42 9.34
CA ASP B 44 11.41 -15.21 10.20
C ASP B 44 10.68 -15.69 11.45
N ILE B 45 9.88 -14.81 12.06
CA ILE B 45 9.07 -15.20 13.23
C ILE B 45 7.98 -16.19 12.84
N GLU B 46 7.29 -15.97 11.73
CA GLU B 46 6.32 -16.93 11.23
C GLU B 46 7.01 -18.30 11.06
N ARG B 47 8.23 -18.31 10.51
CA ARG B 47 8.97 -19.56 10.34
C ARG B 47 9.39 -20.23 11.65
N VAL B 48 10.05 -19.49 12.55
CA VAL B 48 10.61 -20.11 13.74
C VAL B 48 9.51 -20.56 14.68
N THR B 49 8.35 -19.92 14.61
CA THR B 49 7.17 -20.33 15.39
C THR B 49 6.34 -21.39 14.66
N ASN B 50 6.82 -21.89 13.53
CA ASN B 50 6.04 -22.86 12.75
C ASN B 50 4.60 -22.45 12.46
N GLY B 51 4.34 -21.16 12.25
CA GLY B 51 2.97 -20.71 11.95
C GLY B 51 2.06 -20.39 13.12
N ALA B 52 2.54 -20.56 14.35
CA ALA B 52 1.76 -20.18 15.53
C ALA B 52 1.27 -18.72 15.38
N VAL B 53 2.13 -17.88 14.83
CA VAL B 53 1.72 -16.51 14.53
C VAL B 53 2.13 -16.31 13.08
N ILE B 54 1.35 -15.53 12.35
CA ILE B 54 1.63 -15.25 10.94
C ILE B 54 1.89 -13.77 10.72
N CYS B 55 2.43 -13.46 9.55
CA CYS B 55 2.81 -12.09 9.24
C CYS B 55 1.69 -11.06 9.44
N ARG B 56 0.46 -11.38 9.03
CA ARG B 56 -0.64 -10.42 9.12
C ARG B 56 -1.03 -10.13 10.58
N GLU B 57 -0.73 -11.08 11.48
CA GLU B 57 -0.93 -10.88 12.91
C GLU B 57 0.14 -9.96 13.52
N LEU B 58 1.36 -10.16 13.04
CA LEU B 58 2.49 -9.40 13.53
C LEU B 58 2.43 -7.96 13.07
N ARG B 59 2.15 -7.75 11.78
CA ARG B 59 2.19 -6.42 11.19
C ARG B 59 1.06 -6.33 10.16
N PRO B 60 -0.16 -6.14 10.68
CA PRO B 60 -1.31 -5.98 9.79
C PRO B 60 -1.21 -4.74 8.91
N ASP B 61 -0.45 -3.74 9.36
CA ASP B 61 -0.20 -2.54 8.57
C ASP B 61 0.70 -2.78 7.36
N VAL B 62 1.40 -3.92 7.36
CA VAL B 62 2.30 -4.29 6.28
C VAL B 62 1.75 -5.40 5.39
N PHE B 63 1.17 -6.43 6.03
CA PHE B 63 0.71 -7.63 5.35
C PHE B 63 -0.82 -7.66 5.21
N MET C 1 -17.25 5.61 -24.09
CA MET C 1 -16.83 5.46 -22.67
C MET C 1 -16.89 6.85 -22.03
N ASN C 2 -17.43 6.92 -20.82
CA ASN C 2 -17.52 8.15 -20.10
C ASN C 2 -16.29 8.39 -19.21
N ALA C 3 -16.31 9.53 -18.51
CA ALA C 3 -15.16 9.95 -17.73
C ALA C 3 -14.80 8.90 -16.70
N ILE C 4 -15.75 8.27 -16.02
CA ILE C 4 -15.46 7.26 -15.02
CA ILE C 4 -15.35 7.31 -15.01
C ILE C 4 -14.78 6.06 -15.69
N ASP C 5 -15.31 5.70 -16.85
CA ASP C 5 -14.79 4.54 -17.54
C ASP C 5 -13.31 4.70 -17.91
N ILE C 6 -13.00 5.91 -18.39
CA ILE C 6 -11.62 6.17 -18.76
C ILE C 6 -10.69 6.35 -17.56
N ALA C 7 -11.20 6.87 -16.44
CA ALA C 7 -10.45 6.89 -15.20
C ALA C 7 -10.06 5.48 -14.78
N ILE C 8 -11.01 4.57 -14.91
CA ILE C 8 -10.75 3.16 -14.60
C ILE C 8 -9.70 2.58 -15.57
N ASN C 9 -9.83 2.85 -16.87
CA ASN C 9 -8.84 2.34 -17.81
C ASN C 9 -7.45 2.91 -17.46
N LYS C 10 -7.40 4.18 -17.09
CA LYS C 10 -6.12 4.84 -16.79
C LYS C 10 -5.40 4.15 -15.65
N LEU C 11 -6.12 3.87 -14.57
CA LEU C 11 -5.55 3.18 -13.42
C LEU C 11 -5.36 1.68 -13.63
N GLY C 12 -6.18 1.12 -14.51
CA GLY C 12 -6.07 -0.26 -14.94
C GLY C 12 -7.15 -1.21 -14.47
N SER C 13 -7.86 -0.79 -13.42
CA SER C 13 -8.93 -1.60 -12.85
C SER C 13 -9.73 -0.77 -11.87
N VAL C 14 -10.93 -1.26 -11.57
CA VAL C 14 -11.73 -0.63 -10.51
C VAL C 14 -10.94 -0.70 -9.19
N SER C 15 -10.28 -1.82 -8.92
CA SER C 15 -9.47 -1.97 -7.71
CA SER C 15 -9.51 -1.93 -7.68
C SER C 15 -8.42 -0.86 -7.58
N ALA C 16 -7.71 -0.64 -8.68
CA ALA C 16 -6.60 0.31 -8.65
C ALA C 16 -7.15 1.73 -8.45
N LEU C 17 -8.23 2.05 -9.15
CA LEU C 17 -8.81 3.39 -8.98
C LEU C 17 -9.35 3.59 -7.56
N ALA C 18 -10.08 2.61 -7.05
CA ALA C 18 -10.60 2.69 -5.68
C ALA C 18 -9.45 2.90 -4.70
N ALA C 19 -8.39 2.10 -4.83
CA ALA C 19 -7.24 2.26 -3.93
C ALA C 19 -6.66 3.66 -4.02
N SER C 20 -6.53 4.16 -5.24
CA SER C 20 -5.93 5.47 -5.47
CA SER C 20 -5.92 5.47 -5.45
C SER C 20 -6.74 6.62 -4.86
N LEU C 21 -8.05 6.42 -4.72
CA LEU C 21 -8.95 7.44 -4.17
C LEU C 21 -9.26 7.22 -2.71
N GLY C 22 -8.82 6.09 -2.15
CA GLY C 22 -9.17 5.76 -0.78
C GLY C 22 -10.63 5.43 -0.54
N VAL C 23 -11.26 4.84 -1.55
CA VAL C 23 -12.66 4.45 -1.46
C VAL C 23 -12.80 2.94 -1.68
N ARG C 24 -13.97 2.42 -1.30
CA ARG C 24 -14.29 1.05 -1.58
C ARG C 24 -14.60 0.88 -3.07
N GLN C 25 -14.32 -0.32 -3.60
CA GLN C 25 -14.67 -0.61 -4.98
C GLN C 25 -16.15 -0.37 -5.24
N SER C 26 -16.96 -0.75 -4.22
CA SER C 26 -18.42 -0.59 -4.31
C SER C 26 -18.80 0.88 -4.55
N ALA C 27 -18.04 1.85 -4.05
CA ALA C 27 -18.34 3.25 -4.29
C ALA C 27 -18.18 3.59 -5.78
N ILE C 28 -17.10 3.11 -6.39
CA ILE C 28 -16.85 3.32 -7.83
C ILE C 28 -18.06 2.74 -8.59
N SER C 29 -18.45 1.53 -8.24
CA SER C 29 -19.54 0.89 -8.95
C SER C 29 -20.84 1.69 -8.84
N ASN C 30 -21.07 2.23 -7.64
CA ASN C 30 -22.24 3.07 -7.42
CA ASN C 30 -22.22 3.08 -7.41
C ASN C 30 -22.20 4.33 -8.29
N TRP C 31 -21.03 4.97 -8.40
CA TRP C 31 -20.91 6.15 -9.22
C TRP C 31 -21.25 5.83 -10.67
N ARG C 32 -20.77 4.70 -11.16
CA ARG C 32 -21.07 4.29 -12.53
C ARG C 32 -22.57 4.10 -12.74
N ALA C 33 -23.25 3.52 -11.76
CA ALA C 33 -24.68 3.28 -11.85
C ALA C 33 -25.46 4.59 -11.82
N ARG C 34 -24.99 5.55 -11.02
CA ARG C 34 -25.63 6.88 -10.98
C ARG C 34 -25.34 7.69 -12.22
N GLY C 35 -24.24 7.37 -12.89
CA GLY C 35 -23.88 8.15 -14.08
C GLY C 35 -22.95 9.30 -13.77
N ARG C 36 -22.54 9.45 -12.52
CA ARG C 36 -21.57 10.49 -12.21
C ARG C 36 -20.93 10.31 -10.83
N VAL C 37 -19.75 10.90 -10.73
CA VAL C 37 -18.98 10.86 -9.49
C VAL C 37 -19.35 12.04 -8.60
N PRO C 38 -19.22 11.86 -7.30
CA PRO C 38 -19.40 13.02 -6.41
C PRO C 38 -18.45 14.18 -6.69
N ALA C 39 -18.97 15.39 -6.56
CA ALA C 39 -18.13 16.56 -6.87
C ALA C 39 -16.84 16.52 -6.04
N GLU C 40 -16.96 16.14 -4.79
CA GLU C 40 -15.82 16.18 -3.87
C GLU C 40 -14.71 15.21 -4.23
N ARG C 41 -14.98 14.26 -5.14
CA ARG C 41 -13.94 13.31 -5.58
C ARG C 41 -13.21 13.71 -6.85
N CYS C 42 -13.69 14.76 -7.51
CA CYS C 42 -13.20 15.11 -8.84
C CYS C 42 -11.75 15.58 -8.84
N ILE C 43 -11.37 16.44 -7.89
CA ILE C 43 -9.98 16.88 -7.80
C ILE C 43 -9.05 15.68 -7.70
N ASP C 44 -9.38 14.73 -6.83
CA ASP C 44 -8.52 13.58 -6.65
C ASP C 44 -8.43 12.70 -7.89
N ILE C 45 -9.55 12.51 -8.56
CA ILE C 45 -9.53 11.77 -9.84
C ILE C 45 -8.58 12.45 -10.85
N GLU C 46 -8.68 13.76 -10.96
CA GLU C 46 -7.82 14.47 -11.87
C GLU C 46 -6.35 14.24 -11.50
N ARG C 47 -6.05 14.21 -10.20
CA ARG C 47 -4.68 14.02 -9.77
C ARG C 47 -4.16 12.61 -10.01
N VAL C 48 -4.95 11.63 -9.60
CA VAL C 48 -4.46 10.25 -9.65
C VAL C 48 -4.40 9.72 -11.08
N THR C 49 -5.19 10.31 -11.98
CA THR C 49 -5.14 9.97 -13.39
C THR C 49 -4.05 10.75 -14.15
N ASN C 50 -3.20 11.45 -13.43
CA ASN C 50 -2.11 12.23 -14.04
C ASN C 50 -2.66 13.24 -15.01
N GLY C 51 -3.83 13.78 -14.68
CA GLY C 51 -4.47 14.81 -15.51
C GLY C 51 -5.26 14.32 -16.72
N ALA C 52 -5.32 13.01 -16.91
CA ALA C 52 -5.98 12.45 -18.08
C ALA C 52 -7.50 12.63 -18.01
N VAL C 53 -8.03 12.63 -16.79
CA VAL C 53 -9.49 12.76 -16.63
C VAL C 53 -9.72 13.98 -15.73
N ILE C 54 -10.25 15.05 -16.30
CA ILE C 54 -10.27 16.31 -15.61
C ILE C 54 -11.65 16.61 -14.99
N CYS C 55 -11.64 17.51 -14.01
CA CYS C 55 -12.85 17.84 -13.28
C CYS C 55 -14.00 18.21 -14.21
N ARG C 56 -13.73 19.04 -15.22
CA ARG C 56 -14.84 19.47 -16.06
C ARG C 56 -15.41 18.37 -16.92
N GLU C 57 -14.66 17.29 -17.13
CA GLU C 57 -15.22 16.16 -17.89
C GLU C 57 -16.06 15.27 -16.96
N LEU C 58 -15.60 15.14 -15.72
CA LEU C 58 -16.31 14.36 -14.72
C LEU C 58 -17.65 14.98 -14.33
N ARG C 59 -17.63 16.28 -14.07
CA ARG C 59 -18.81 16.97 -13.61
C ARG C 59 -18.95 18.33 -14.27
N PRO C 60 -19.38 18.33 -15.53
CA PRO C 60 -19.53 19.60 -16.24
C PRO C 60 -20.46 20.59 -15.53
N ASP C 61 -21.47 20.03 -14.86
CA ASP C 61 -22.42 20.85 -14.10
C ASP C 61 -21.81 21.65 -12.96
N VAL C 62 -20.68 21.15 -12.46
CA VAL C 62 -19.96 21.81 -11.38
C VAL C 62 -18.81 22.64 -11.94
N PHE C 63 -18.00 22.02 -12.79
CA PHE C 63 -16.72 22.58 -13.20
C PHE C 63 -16.75 23.19 -14.59
N GLY C 64 -17.88 23.08 -15.26
N GLY C 64 -17.86 23.05 -15.29
CA GLY C 64 -18.15 23.87 -16.46
CA GLY C 64 -17.94 23.46 -16.68
C GLY C 64 -18.06 23.03 -17.72
C GLY C 64 -18.63 24.81 -16.74
C1 GOL D . 10.65 -0.35 7.42
O1 GOL D . 10.00 0.04 6.24
C2 GOL D . 10.11 -1.38 8.39
O2 GOL D . 9.60 -2.43 7.60
C3 GOL D . 9.17 -0.99 9.53
O3 GOL D . 8.29 -0.11 8.85
O3 GOL D . 9.42 -2.07 10.41
C1 GOL E . 1.68 18.90 -8.49
O1 GOL E . 3.05 18.66 -8.76
C2 GOL E . 1.57 19.17 -7.00
O2 GOL E . 2.38 20.30 -6.75
C3 GOL E . 2.00 18.01 -6.10
O3 GOL E . 1.02 17.72 -5.13
C1 GOL F . 13.32 -1.86 13.68
O1 GOL F . 14.46 -1.67 14.47
C2 GOL F . 12.87 -0.58 12.99
O2 GOL F . 13.32 0.54 13.72
C3 GOL F . 11.36 -0.41 12.80
O3 GOL F . 10.56 -1.56 12.93
S SO4 G . -22.55 16.78 -5.53
O1 SO4 G . -22.85 17.76 -6.57
O2 SO4 G . -23.80 16.28 -4.91
O3 SO4 G . -21.88 15.55 -5.96
O4 SO4 G . -21.77 17.44 -4.48
CL CL H . -17.91 -1.40 -11.56
S SO4 I . -22.05 15.63 -5.08
O1 SO4 I . -23.06 16.71 -4.87
O2 SO4 I . -22.75 14.34 -5.00
O3 SO4 I . -21.51 15.77 -6.39
O4 SO4 I . -21.26 15.71 -3.89
C1 GOL J . -8.08 -1.42 -20.24
O1 GOL J . -9.23 -1.08 -19.45
C2 GOL J . -6.85 -1.80 -19.44
O2 GOL J . -5.69 -2.09 -20.20
C3 GOL J . -6.63 -0.55 -18.60
O3 GOL J . -6.41 0.53 -19.50
#